data_9K7T
#
_entry.id   9K7T
#
_cell.length_a   67.506
_cell.length_b   67.506
_cell.length_c   72.269
_cell.angle_alpha   90.00
_cell.angle_beta   90.00
_cell.angle_gamma   90.00
#
_symmetry.space_group_name_H-M   'P 4'
#
loop_
_entity.id
_entity.type
_entity.pdbx_description
1 polymer C4-Zn1-HEHE-1
2 non-polymer 'ZINC ION'
3 water water
#
_entity_poly.entity_id   1
_entity_poly.type   'polypeptide(L)'
_entity_poly.pdbx_seq_one_letter_code
;MGHHHHHHHHSSGLEVLFQGPGGTMKALELAKEYIEKIKKLENAEEAFKLAVEGLDKLSELVQEGETEKEEALKGVKELV
KIAVEVLKRLGAEEEIFRLDLHAHIIYLEIRT
;
_entity_poly.pdbx_strand_id   A,B,C
#
# COMPACT_ATOMS: atom_id res chain seq x y z
N MET A 25 -17.02 -6.86 9.47
CA MET A 25 -15.60 -6.55 9.63
C MET A 25 -15.41 -5.06 9.86
N LYS A 26 -15.85 -4.60 11.03
CA LYS A 26 -15.92 -3.17 11.31
C LYS A 26 -14.54 -2.52 11.22
N ALA A 27 -13.50 -3.22 11.68
CA ALA A 27 -12.17 -2.60 11.70
C ALA A 27 -11.71 -2.30 10.28
N LEU A 28 -11.84 -3.27 9.39
CA LEU A 28 -11.33 -3.07 8.04
C LEU A 28 -12.17 -2.06 7.30
N GLU A 29 -13.46 -1.99 7.59
CA GLU A 29 -14.28 -0.99 6.91
C GLU A 29 -13.98 0.41 7.42
N LEU A 30 -13.67 0.55 8.71
CA LEU A 30 -13.27 1.85 9.23
C LEU A 30 -11.93 2.27 8.66
N ALA A 31 -10.96 1.36 8.67
CA ALA A 31 -9.70 1.67 8.02
C ALA A 31 -9.94 2.03 6.57
N LYS A 32 -10.88 1.35 5.92
CA LYS A 32 -11.13 1.61 4.51
C LYS A 32 -11.66 3.01 4.31
N GLU A 33 -12.68 3.36 5.09
CA GLU A 33 -13.25 4.69 5.02
C GLU A 33 -12.20 5.76 5.25
N TYR A 34 -11.33 5.55 6.24
CA TYR A 34 -10.39 6.59 6.59
C TYR A 34 -9.27 6.69 5.58
N ILE A 35 -8.80 5.55 5.07
CA ILE A 35 -7.82 5.56 3.99
C ILE A 35 -8.39 6.30 2.79
N GLU A 36 -9.65 6.01 2.45
CA GLU A 36 -10.29 6.70 1.34
C GLU A 36 -10.27 8.20 1.58
N LYS A 37 -10.73 8.64 2.75
CA LYS A 37 -10.77 10.07 3.04
C LYS A 37 -9.39 10.68 2.89
N ILE A 38 -8.39 10.05 3.51
CA ILE A 38 -7.08 10.67 3.66
C ILE A 38 -6.36 10.77 2.32
N LYS A 39 -6.54 9.80 1.43
CA LYS A 39 -5.79 9.85 0.18
C LYS A 39 -6.08 11.13 -0.61
N LYS A 40 -7.26 11.72 -0.43
CA LYS A 40 -7.70 12.88 -1.18
C LYS A 40 -7.00 14.18 -0.76
N LEU A 41 -6.24 14.18 0.32
CA LEU A 41 -5.83 15.41 0.97
C LEU A 41 -4.53 15.97 0.40
N GLU A 42 -4.43 17.31 0.42
CA GLU A 42 -3.20 18.01 0.14
C GLU A 42 -2.81 18.93 1.28
N ASN A 43 -3.49 18.81 2.42
CA ASN A 43 -3.12 19.51 3.65
C ASN A 43 -2.64 18.49 4.67
N ALA A 44 -1.60 18.84 5.41
CA ALA A 44 -0.95 17.93 6.35
C ALA A 44 -1.57 17.95 7.75
N GLU A 45 -1.99 19.11 8.25
CA GLU A 45 -2.71 19.13 9.52
C GLU A 45 -4.02 18.38 9.39
N GLU A 46 -4.66 18.49 8.23
CA GLU A 46 -5.92 17.80 7.98
C GLU A 46 -5.71 16.28 7.95
N ALA A 47 -4.74 15.81 7.17
CA ALA A 47 -4.50 14.37 7.10
C ALA A 47 -4.05 13.82 8.45
N PHE A 48 -3.25 14.58 9.20
CA PHE A 48 -2.82 14.12 10.51
C PHE A 48 -4.02 14.00 11.46
N LYS A 49 -4.81 15.06 11.56
CA LYS A 49 -6.05 15.03 12.33
C LYS A 49 -6.86 13.78 12.01
N LEU A 50 -7.03 13.48 10.71
CA LEU A 50 -7.87 12.36 10.30
C LEU A 50 -7.25 11.01 10.65
N ALA A 51 -5.94 10.88 10.48
CA ALA A 51 -5.29 9.64 10.83
C ALA A 51 -5.45 9.34 12.31
N VAL A 52 -5.17 10.32 13.15
CA VAL A 52 -5.29 10.11 14.59
C VAL A 52 -6.73 9.81 14.96
N GLU A 53 -7.67 10.48 14.31
CA GLU A 53 -9.08 10.20 14.59
C GLU A 53 -9.43 8.77 14.21
N GLY A 54 -8.99 8.32 13.04
CA GLY A 54 -9.23 6.94 12.65
C GLY A 54 -8.63 5.96 13.63
N LEU A 55 -7.44 6.25 14.14
CA LEU A 55 -6.82 5.36 15.12
C LEU A 55 -7.61 5.35 16.43
N ASP A 56 -8.07 6.52 16.86
CA ASP A 56 -8.95 6.58 18.03
C ASP A 56 -10.16 5.70 17.82
N LYS A 57 -10.79 5.80 16.65
CA LYS A 57 -12.02 5.06 16.44
C LYS A 57 -11.74 3.58 16.27
N LEU A 58 -10.56 3.22 15.77
CA LEU A 58 -10.18 1.82 15.72
C LEU A 58 -10.06 1.24 17.13
N SER A 59 -9.44 1.99 18.04
CA SER A 59 -9.33 1.53 19.42
C SER A 59 -10.70 1.49 20.10
N GLU A 60 -11.53 2.51 19.86
CA GLU A 60 -12.88 2.54 20.41
C GLU A 60 -13.67 1.31 19.95
N LEU A 61 -13.46 0.87 18.70
CA LEU A 61 -14.13 -0.31 18.16
C LEU A 61 -13.94 -1.53 19.06
N VAL A 62 -12.70 -1.80 19.44
CA VAL A 62 -12.43 -2.96 20.30
C VAL A 62 -13.02 -2.77 21.67
N GLN A 63 -12.83 -1.59 22.27
CA GLN A 63 -13.25 -1.41 23.66
C GLN A 63 -14.72 -1.79 23.87
N GLU A 64 -15.57 -1.49 22.89
CA GLU A 64 -16.99 -1.84 22.97
C GLU A 64 -17.26 -3.32 22.70
N GLY A 65 -16.24 -4.07 22.30
CA GLY A 65 -16.39 -5.49 22.06
C GLY A 65 -16.91 -5.85 20.69
N GLU A 66 -16.69 -4.99 19.69
CA GLU A 66 -17.33 -5.16 18.40
C GLU A 66 -16.38 -5.58 17.28
N THR A 67 -15.18 -6.03 17.63
CA THR A 67 -14.29 -6.68 16.67
C THR A 67 -13.11 -7.23 17.48
N GLU A 68 -12.47 -8.25 16.93
CA GLU A 68 -11.39 -8.90 17.65
C GLU A 68 -10.11 -8.09 17.51
N LYS A 69 -9.18 -8.29 18.46
CA LYS A 69 -7.95 -7.51 18.51
C LYS A 69 -7.20 -7.57 17.19
N GLU A 70 -7.03 -8.77 16.63
CA GLU A 70 -6.22 -8.92 15.42
C GLU A 70 -6.74 -8.03 14.29
N GLU A 71 -8.07 -7.88 14.20
CA GLU A 71 -8.68 -7.10 13.12
C GLU A 71 -8.36 -5.61 13.28
N ALA A 72 -8.52 -5.10 14.50
CA ALA A 72 -8.16 -3.71 14.77
C ALA A 72 -6.68 -3.46 14.51
N LEU A 73 -5.81 -4.41 14.88
CA LEU A 73 -4.38 -4.18 14.63
C LEU A 73 -4.11 -4.08 13.15
N LYS A 74 -4.72 -4.95 12.35
CA LYS A 74 -4.57 -4.85 10.90
C LYS A 74 -5.00 -3.48 10.39
N GLY A 75 -6.18 -3.03 10.83
CA GLY A 75 -6.67 -1.74 10.38
C GLY A 75 -5.75 -0.60 10.74
N VAL A 76 -5.23 -0.61 11.97
CA VAL A 76 -4.28 0.41 12.40
C VAL A 76 -3.06 0.42 11.48
N LYS A 77 -2.54 -0.76 11.14
CA LYS A 77 -1.33 -0.79 10.33
C LYS A 77 -1.60 -0.26 8.93
N GLU A 78 -2.72 -0.63 8.34
CA GLU A 78 -3.00 -0.19 6.97
C GLU A 78 -3.27 1.31 6.92
N LEU A 79 -4.09 1.80 7.84
CA LEU A 79 -4.35 3.22 7.93
C LEU A 79 -3.06 3.98 8.14
N VAL A 80 -2.22 3.53 9.07
CA VAL A 80 -0.99 4.25 9.37
C VAL A 80 -0.08 4.28 8.16
N LYS A 81 0.01 3.17 7.43
CA LYS A 81 0.82 3.13 6.23
C LYS A 81 0.37 4.21 5.25
N ILE A 82 -0.93 4.27 4.99
CA ILE A 82 -1.42 5.25 4.01
C ILE A 82 -1.17 6.67 4.50
N ALA A 83 -1.47 6.93 5.77
CA ALA A 83 -1.33 8.27 6.31
C ALA A 83 0.11 8.72 6.26
N VAL A 84 1.04 7.85 6.62
CA VAL A 84 2.44 8.24 6.62
C VAL A 84 2.89 8.50 5.19
N GLU A 85 2.38 7.72 4.23
CA GLU A 85 2.70 7.99 2.83
C GLU A 85 2.27 9.40 2.41
N VAL A 86 1.01 9.73 2.65
CA VAL A 86 0.51 11.06 2.32
C VAL A 86 1.36 12.14 2.98
N LEU A 87 1.57 12.01 4.30
CA LEU A 87 2.37 12.98 5.04
C LEU A 87 3.76 13.15 4.44
N LYS A 88 4.37 12.05 3.98
CA LYS A 88 5.68 12.18 3.36
C LYS A 88 5.59 12.92 2.04
N ARG A 89 4.49 12.77 1.31
CA ARG A 89 4.30 13.60 0.12
C ARG A 89 4.39 15.07 0.46
N LEU A 90 3.70 15.49 1.53
CA LEU A 90 3.64 16.88 1.96
C LEU A 90 4.81 17.29 2.83
N GLY A 91 5.75 16.39 3.10
CA GLY A 91 6.94 16.74 3.86
C GLY A 91 6.73 16.98 5.33
N ALA A 92 5.69 16.39 5.92
CA ALA A 92 5.29 16.69 7.29
C ALA A 92 5.93 15.71 8.26
N GLU A 93 7.22 15.91 8.53
CA GLU A 93 8.00 14.94 9.31
C GLU A 93 7.55 14.92 10.76
N GLU A 94 7.41 16.09 11.38
CA GLU A 94 6.96 16.17 12.75
C GLU A 94 5.67 15.39 12.95
N GLU A 95 4.70 15.61 12.06
CA GLU A 95 3.43 14.93 12.15
C GLU A 95 3.61 13.42 11.98
N ILE A 96 4.55 13.02 11.14
CA ILE A 96 4.78 11.60 10.93
C ILE A 96 5.22 10.94 12.23
N PHE A 97 6.19 11.53 12.91
CA PHE A 97 6.60 10.93 14.18
C PHE A 97 5.46 10.97 15.18
N ARG A 98 4.65 12.01 15.13
CA ARG A 98 3.56 12.11 16.10
C ARG A 98 2.53 11.03 15.87
N LEU A 99 2.22 10.75 14.61
CA LEU A 99 1.28 9.68 14.29
C LEU A 99 1.86 8.33 14.63
N ASP A 100 3.16 8.13 14.44
CA ASP A 100 3.74 6.85 14.79
C ASP A 100 3.67 6.62 16.28
N LEU A 101 4.01 7.63 17.09
CA LEU A 101 3.88 7.53 18.53
C LEU A 101 2.46 7.20 18.93
N HIS A 102 1.50 7.94 18.38
CA HIS A 102 0.11 7.65 18.69
C HIS A 102 -0.28 6.25 18.22
N ALA A 103 0.28 5.80 17.10
CA ALA A 103 -0.02 4.46 16.62
C ALA A 103 0.47 3.43 17.59
N HIS A 104 1.64 3.66 18.19
CA HIS A 104 2.19 2.72 19.14
C HIS A 104 1.40 2.72 20.44
N ILE A 105 0.95 3.90 20.88
CA ILE A 105 0.12 3.96 22.08
C ILE A 105 -1.23 3.30 21.82
N ILE A 106 -1.82 3.54 20.66
CA ILE A 106 -3.07 2.89 20.28
C ILE A 106 -2.88 1.38 20.25
N TYR A 107 -1.76 0.95 19.71
CA TYR A 107 -1.47 -0.47 19.61
C TYR A 107 -1.40 -1.08 21.00
N LEU A 108 -0.71 -0.43 21.92
CA LEU A 108 -0.72 -0.89 23.29
C LEU A 108 -2.13 -0.91 23.86
N GLU A 109 -2.90 0.13 23.57
CA GLU A 109 -4.24 0.26 24.13
C GLU A 109 -5.12 -0.92 23.72
N ILE A 110 -4.91 -1.45 22.52
CA ILE A 110 -5.79 -2.51 22.02
C ILE A 110 -5.48 -3.85 22.71
N ARG A 111 -4.21 -4.22 22.84
CA ARG A 111 -3.83 -5.47 23.48
C ARG A 111 -4.04 -5.46 25.00
N THR A 112 -5.18 -4.93 25.44
CA THR A 112 -5.54 -4.75 26.85
C THR A 112 -4.49 -3.91 27.59
N MET B 25 -9.50 -1.89 0.37
CA MET B 25 -9.34 -2.84 1.46
C MET B 25 -10.01 -4.17 1.08
N LYS B 26 -10.53 -4.24 -0.14
CA LYS B 26 -11.36 -5.38 -0.54
C LYS B 26 -10.60 -6.69 -0.46
N ALA B 27 -9.32 -6.67 -0.79
CA ALA B 27 -8.56 -7.92 -0.82
C ALA B 27 -8.34 -8.47 0.58
N LEU B 28 -8.01 -7.60 1.54
CA LEU B 28 -7.79 -8.06 2.91
C LEU B 28 -9.07 -8.59 3.51
N GLU B 29 -10.20 -8.02 3.11
CA GLU B 29 -11.47 -8.52 3.59
C GLU B 29 -11.75 -9.91 3.06
N LEU B 30 -11.49 -10.15 1.77
CA LEU B 30 -11.68 -11.49 1.22
C LEU B 30 -10.76 -12.50 1.89
N ALA B 31 -9.50 -12.11 2.09
CA ALA B 31 -8.58 -13.02 2.74
C ALA B 31 -9.03 -13.33 4.17
N LYS B 32 -9.57 -12.33 4.89
CA LYS B 32 -9.96 -12.63 6.26
C LYS B 32 -11.23 -13.48 6.29
N GLU B 33 -12.13 -13.29 5.34
CA GLU B 33 -13.25 -14.22 5.22
C GLU B 33 -12.76 -15.65 5.10
N TYR B 34 -11.86 -15.90 4.15
CA TYR B 34 -11.41 -17.27 3.96
C TYR B 34 -10.56 -17.76 5.10
N ILE B 35 -9.81 -16.87 5.75
CA ILE B 35 -9.03 -17.25 6.93
C ILE B 35 -9.95 -17.60 8.08
N GLU B 36 -11.02 -16.85 8.28
CA GLU B 36 -11.98 -17.17 9.32
C GLU B 36 -12.61 -18.53 9.05
N LYS B 37 -13.08 -18.75 7.81
CA LYS B 37 -13.60 -20.05 7.43
C LYS B 37 -12.60 -21.14 7.77
N ILE B 38 -11.38 -21.02 7.23
CA ILE B 38 -10.38 -22.07 7.34
C ILE B 38 -9.94 -22.31 8.77
N LYS B 39 -9.92 -21.26 9.60
CA LYS B 39 -9.25 -21.37 10.90
C LYS B 39 -9.85 -22.48 11.74
N LYS B 40 -11.15 -22.69 11.62
CA LYS B 40 -11.88 -23.62 12.46
C LYS B 40 -12.10 -24.97 11.79
N LEU B 41 -11.14 -25.45 11.02
CA LEU B 41 -11.36 -26.63 10.19
C LEU B 41 -10.57 -27.82 10.73
N GLU B 42 -11.25 -28.97 10.80
CA GLU B 42 -10.64 -30.25 11.11
C GLU B 42 -10.48 -31.14 9.89
N ASN B 43 -11.30 -30.94 8.88
CA ASN B 43 -11.20 -31.69 7.64
C ASN B 43 -10.10 -31.08 6.76
N ALA B 44 -9.17 -31.91 6.29
CA ALA B 44 -8.08 -31.36 5.49
C ALA B 44 -8.51 -31.03 4.06
N GLU B 45 -9.31 -31.91 3.46
CA GLU B 45 -9.77 -31.71 2.08
C GLU B 45 -10.43 -30.34 1.92
N GLU B 46 -11.31 -29.98 2.85
CA GLU B 46 -12.09 -28.76 2.63
C GLU B 46 -11.32 -27.51 3.00
N ALA B 47 -10.41 -27.60 3.96
CA ALA B 47 -9.47 -26.52 4.17
C ALA B 47 -8.70 -26.23 2.89
N PHE B 48 -8.16 -27.27 2.25
CA PHE B 48 -7.43 -27.08 1.00
C PHE B 48 -8.30 -26.47 -0.08
N LYS B 49 -9.51 -26.99 -0.24
CA LYS B 49 -10.39 -26.46 -1.27
C LYS B 49 -10.69 -24.98 -1.02
N LEU B 50 -10.97 -24.61 0.24
CA LEU B 50 -11.24 -23.22 0.56
C LEU B 50 -10.03 -22.33 0.29
N ALA B 51 -8.84 -22.82 0.62
CA ALA B 51 -7.66 -22.00 0.39
C ALA B 51 -7.49 -21.76 -1.09
N VAL B 52 -7.61 -22.81 -1.90
CA VAL B 52 -7.41 -22.68 -3.34
C VAL B 52 -8.47 -21.74 -3.91
N GLU B 53 -9.68 -21.80 -3.36
CA GLU B 53 -10.74 -20.96 -3.89
C GLU B 53 -10.53 -19.50 -3.49
N GLY B 54 -10.05 -19.26 -2.27
CA GLY B 54 -9.72 -17.91 -1.86
C GLY B 54 -8.58 -17.30 -2.68
N LEU B 55 -7.53 -18.09 -2.93
CA LEU B 55 -6.48 -17.66 -3.85
C LEU B 55 -7.04 -17.32 -5.23
N ASP B 56 -7.92 -18.18 -5.76
CA ASP B 56 -8.57 -17.90 -7.04
C ASP B 56 -9.24 -16.55 -7.03
N LYS B 57 -9.97 -16.27 -5.95
CA LYS B 57 -10.76 -15.03 -5.88
C LYS B 57 -9.88 -13.80 -5.73
N LEU B 58 -8.76 -13.91 -5.00
CA LEU B 58 -7.82 -12.80 -4.93
C LEU B 58 -7.20 -12.49 -6.28
N SER B 59 -6.83 -13.54 -7.02
CA SER B 59 -6.29 -13.28 -8.36
C SER B 59 -7.34 -12.67 -9.28
N GLU B 60 -8.59 -13.14 -9.20
CA GLU B 60 -9.62 -12.55 -10.03
C GLU B 60 -9.83 -11.07 -9.68
N LEU B 61 -9.69 -10.72 -8.39
CA LEU B 61 -9.71 -9.33 -7.97
C LEU B 61 -8.70 -8.50 -8.75
N VAL B 62 -7.45 -8.98 -8.82
CA VAL B 62 -6.47 -8.20 -9.57
C VAL B 62 -6.80 -8.19 -11.07
N GLN B 63 -7.19 -9.34 -11.63
CA GLN B 63 -7.47 -9.36 -13.07
C GLN B 63 -8.56 -8.39 -13.47
N GLU B 64 -9.50 -8.12 -12.58
CA GLU B 64 -10.62 -7.27 -12.93
C GLU B 64 -10.49 -5.85 -12.42
N GLY B 65 -9.31 -5.47 -11.95
CA GLY B 65 -9.08 -4.09 -11.55
C GLY B 65 -9.91 -3.61 -10.39
N GLU B 66 -10.09 -4.46 -9.37
CA GLU B 66 -10.84 -4.07 -8.19
C GLU B 66 -9.93 -3.84 -6.99
N THR B 67 -8.63 -4.09 -7.10
CA THR B 67 -7.73 -3.84 -6.00
C THR B 67 -6.29 -3.80 -6.50
N GLU B 68 -5.41 -3.34 -5.61
CA GLU B 68 -3.99 -3.20 -5.95
C GLU B 68 -3.28 -4.56 -5.95
N LYS B 69 -2.23 -4.64 -6.77
CA LYS B 69 -1.36 -5.81 -6.73
C LYS B 69 -0.72 -5.99 -5.35
N GLU B 70 -0.37 -4.90 -4.67
CA GLU B 70 0.29 -5.03 -3.37
C GLU B 70 -0.67 -5.58 -2.33
N GLU B 71 -1.88 -5.01 -2.24
CA GLU B 71 -2.87 -5.50 -1.28
C GLU B 71 -3.22 -6.96 -1.55
N ALA B 72 -3.33 -7.33 -2.83
CA ALA B 72 -3.64 -8.70 -3.20
C ALA B 72 -2.54 -9.66 -2.78
N LEU B 73 -1.27 -9.32 -3.06
CA LEU B 73 -0.18 -10.17 -2.61
C LEU B 73 -0.19 -10.33 -1.10
N LYS B 74 -0.45 -9.23 -0.37
CA LYS B 74 -0.53 -9.30 1.08
C LYS B 74 -1.56 -10.34 1.52
N GLY B 75 -2.76 -10.27 0.92
CA GLY B 75 -3.82 -11.19 1.29
C GLY B 75 -3.48 -12.64 0.97
N VAL B 76 -2.93 -12.87 -0.21
CA VAL B 76 -2.54 -14.23 -0.60
C VAL B 76 -1.56 -14.80 0.42
N LYS B 77 -0.61 -13.98 0.85
CA LYS B 77 0.39 -14.48 1.77
C LYS B 77 -0.22 -14.83 3.12
N GLU B 78 -1.09 -13.99 3.66
CA GLU B 78 -1.67 -14.36 4.95
C GLU B 78 -2.59 -15.57 4.84
N LEU B 79 -3.37 -15.65 3.75
CA LEU B 79 -4.26 -16.80 3.59
C LEU B 79 -3.46 -18.08 3.48
N VAL B 80 -2.39 -18.07 2.70
CA VAL B 80 -1.56 -19.25 2.60
C VAL B 80 -0.94 -19.56 3.95
N LYS B 81 -0.49 -18.54 4.69
CA LYS B 81 0.10 -18.79 6.00
C LYS B 81 -0.87 -19.54 6.88
N ILE B 82 -2.10 -19.04 6.94
CA ILE B 82 -3.11 -19.67 7.78
C ILE B 82 -3.37 -21.08 7.32
N ALA B 83 -3.68 -21.25 6.03
CA ALA B 83 -3.99 -22.58 5.50
C ALA B 83 -2.84 -23.54 5.73
N VAL B 84 -1.60 -23.07 5.66
CA VAL B 84 -0.50 -24.01 5.79
C VAL B 84 -0.28 -24.39 7.25
N GLU B 85 -0.54 -23.47 8.17
CA GLU B 85 -0.56 -23.86 9.58
C GLU B 85 -1.64 -24.91 9.82
N VAL B 86 -2.86 -24.65 9.33
CA VAL B 86 -3.97 -25.57 9.57
C VAL B 86 -3.65 -26.95 9.02
N LEU B 87 -3.20 -27.00 7.77
CA LEU B 87 -2.88 -28.29 7.17
C LEU B 87 -1.72 -28.96 7.90
N LYS B 88 -0.78 -28.19 8.44
CA LYS B 88 0.21 -28.79 9.32
C LYS B 88 -0.47 -29.56 10.43
N ARG B 89 -1.42 -28.92 11.13
CA ARG B 89 -2.12 -29.59 12.22
C ARG B 89 -2.66 -30.95 11.82
N LEU B 90 -3.15 -31.07 10.60
CA LEU B 90 -3.85 -32.27 10.16
C LEU B 90 -2.93 -33.26 9.46
N GLY B 91 -1.64 -32.98 9.40
CA GLY B 91 -0.70 -33.91 8.78
C GLY B 91 -0.89 -34.12 7.30
N ALA B 92 -1.17 -33.04 6.56
CA ALA B 92 -1.60 -33.12 5.16
C ALA B 92 -0.53 -32.54 4.22
N GLU B 93 0.57 -33.27 4.09
CA GLU B 93 1.70 -32.81 3.29
C GLU B 93 1.32 -32.62 1.84
N GLU B 94 0.79 -33.67 1.22
CA GLU B 94 0.27 -33.61 -0.13
C GLU B 94 -0.42 -32.28 -0.37
N GLU B 95 -1.37 -31.96 0.51
CA GLU B 95 -2.18 -30.75 0.36
C GLU B 95 -1.33 -29.50 0.50
N ILE B 96 -0.42 -29.48 1.48
CA ILE B 96 0.42 -28.29 1.67
C ILE B 96 1.20 -27.99 0.40
N PHE B 97 1.92 -28.98 -0.11
CA PHE B 97 2.70 -28.74 -1.31
C PHE B 97 1.83 -28.32 -2.47
N ARG B 98 0.67 -28.94 -2.62
CA ARG B 98 -0.21 -28.56 -3.72
C ARG B 98 -0.64 -27.11 -3.59
N LEU B 99 -1.06 -26.71 -2.40
CA LEU B 99 -1.42 -25.32 -2.18
C LEU B 99 -0.23 -24.42 -2.48
N ASP B 100 0.96 -24.88 -2.14
CA ASP B 100 2.16 -24.09 -2.35
C ASP B 100 2.42 -23.86 -3.83
N LEU B 101 2.36 -24.92 -4.61
CA LEU B 101 2.48 -24.81 -6.07
C LEU B 101 1.43 -23.87 -6.61
N HIS B 102 0.20 -24.04 -6.14
CA HIS B 102 -0.90 -23.20 -6.61
C HIS B 102 -0.66 -21.75 -6.23
N ALA B 103 -0.16 -21.52 -5.02
CA ALA B 103 0.09 -20.16 -4.56
C ALA B 103 1.14 -19.52 -5.44
N HIS B 104 2.18 -20.25 -5.80
CA HIS B 104 3.20 -19.67 -6.66
C HIS B 104 2.61 -19.31 -8.00
N ILE B 105 1.80 -20.21 -8.58
CA ILE B 105 1.14 -19.89 -9.83
C ILE B 105 0.32 -18.60 -9.68
N ILE B 106 -0.36 -18.44 -8.54
CA ILE B 106 -1.21 -17.28 -8.33
C ILE B 106 -0.37 -16.00 -8.23
N TYR B 107 0.74 -16.06 -7.48
CA TYR B 107 1.68 -14.95 -7.42
C TYR B 107 2.05 -14.50 -8.83
N LEU B 108 2.52 -15.43 -9.65
CA LEU B 108 2.83 -15.11 -11.04
C LEU B 108 1.67 -14.40 -11.69
N GLU B 109 0.50 -15.03 -11.67
CA GLU B 109 -0.67 -14.48 -12.33
C GLU B 109 -0.87 -13.02 -11.98
N ILE B 110 -0.65 -12.66 -10.72
CA ILE B 110 -0.80 -11.27 -10.31
C ILE B 110 0.34 -10.43 -10.87
N ARG B 111 1.58 -10.85 -10.62
CA ARG B 111 2.76 -10.24 -11.21
C ARG B 111 2.82 -10.42 -12.73
N MET C 25 10.54 4.81 3.37
CA MET C 25 9.70 5.36 2.32
C MET C 25 10.52 6.31 1.47
N LYS C 26 11.60 5.76 0.93
CA LYS C 26 12.61 6.56 0.26
C LYS C 26 12.09 7.15 -1.04
N ALA C 27 11.19 6.47 -1.74
CA ALA C 27 10.70 6.98 -3.02
C ALA C 27 10.00 8.32 -2.82
N LEU C 28 9.13 8.41 -1.82
CA LEU C 28 8.42 9.65 -1.55
C LEU C 28 9.34 10.70 -0.95
N GLU C 29 10.30 10.28 -0.14
CA GLU C 29 11.30 11.23 0.33
C GLU C 29 11.98 11.90 -0.85
N LEU C 30 12.49 11.09 -1.77
CA LEU C 30 13.16 11.63 -2.94
C LEU C 30 12.22 12.49 -3.75
N ALA C 31 11.02 11.98 -4.04
CA ALA C 31 10.09 12.73 -4.86
C ALA C 31 9.74 14.07 -4.24
N LYS C 32 9.52 14.13 -2.93
CA LYS C 32 9.16 15.41 -2.32
C LYS C 32 10.36 16.33 -2.18
N GLU C 33 11.52 15.77 -1.91
CA GLU C 33 12.73 16.59 -1.92
C GLU C 33 12.92 17.24 -3.29
N TYR C 34 12.66 16.49 -4.36
CA TYR C 34 12.83 17.07 -5.69
C TYR C 34 11.71 18.03 -6.02
N ILE C 35 10.48 17.70 -5.61
CA ILE C 35 9.36 18.61 -5.79
C ILE C 35 9.69 19.95 -5.17
N GLU C 36 10.27 19.94 -3.97
CA GLU C 36 10.63 21.18 -3.32
C GLU C 36 11.82 21.84 -4.00
N LYS C 37 12.75 21.04 -4.50
CA LYS C 37 13.86 21.62 -5.24
C LYS C 37 13.39 22.38 -6.48
N ILE C 38 12.24 21.99 -7.02
CA ILE C 38 11.78 22.44 -8.33
C ILE C 38 10.74 23.56 -8.21
N LYS C 39 9.98 23.56 -7.12
CA LYS C 39 8.90 24.55 -6.95
C LYS C 39 9.38 26.00 -7.05
N LYS C 40 10.64 26.25 -6.69
CA LYS C 40 11.15 27.62 -6.68
C LYS C 40 11.62 28.07 -8.06
N LEU C 41 11.97 27.15 -8.93
CA LEU C 41 12.65 27.50 -10.16
C LEU C 41 11.75 28.28 -11.10
N GLU C 42 12.35 29.16 -11.88
CA GLU C 42 11.72 29.73 -13.04
C GLU C 42 12.55 29.51 -14.29
N ASN C 43 13.73 28.92 -14.14
CA ASN C 43 14.50 28.46 -15.28
C ASN C 43 13.94 27.13 -15.73
N ALA C 44 13.28 27.11 -16.89
CA ALA C 44 12.61 25.90 -17.36
C ALA C 44 13.60 24.79 -17.68
N GLU C 45 14.78 25.14 -18.19
CA GLU C 45 15.79 24.12 -18.45
C GLU C 45 16.19 23.44 -17.14
N GLU C 46 16.46 24.23 -16.11
CA GLU C 46 16.95 23.66 -14.86
C GLU C 46 15.87 22.86 -14.16
N ALA C 47 14.64 23.37 -14.13
CA ALA C 47 13.52 22.58 -13.62
C ALA C 47 13.40 21.25 -14.39
N PHE C 48 13.55 21.30 -15.70
CA PHE C 48 13.45 20.09 -16.50
C PHE C 48 14.53 19.09 -16.11
N LYS C 49 15.78 19.56 -16.07
CA LYS C 49 16.89 18.68 -15.72
C LYS C 49 16.68 18.03 -14.35
N LEU C 50 16.15 18.79 -13.39
CA LEU C 50 15.93 18.26 -12.06
C LEU C 50 14.83 17.21 -12.06
N ALA C 51 13.75 17.44 -12.82
CA ALA C 51 12.70 16.43 -12.90
C ALA C 51 13.24 15.12 -13.47
N VAL C 52 13.99 15.21 -14.56
CA VAL C 52 14.50 13.99 -15.18
C VAL C 52 15.43 13.26 -14.22
N GLU C 53 16.27 13.99 -13.51
CA GLU C 53 17.18 13.35 -12.59
C GLU C 53 16.44 12.69 -11.43
N GLY C 54 15.37 13.32 -10.94
CA GLY C 54 14.57 12.72 -9.89
C GLY C 54 13.87 11.46 -10.35
N LEU C 55 13.35 11.46 -11.59
CA LEU C 55 12.80 10.24 -12.16
C LEU C 55 13.86 9.16 -12.25
N ASP C 56 15.06 9.51 -12.72
CA ASP C 56 16.14 8.55 -12.79
C ASP C 56 16.40 7.93 -11.43
N LYS C 57 16.50 8.76 -10.40
CA LYS C 57 16.87 8.25 -9.09
C LYS C 57 15.75 7.41 -8.48
N LEU C 58 14.49 7.77 -8.73
CA LEU C 58 13.39 6.89 -8.38
C LEU C 58 13.57 5.52 -9.02
N SER C 59 13.95 5.51 -10.30
CA SER C 59 14.13 4.26 -11.02
C SER C 59 15.25 3.44 -10.40
N GLU C 60 16.37 4.08 -10.09
CA GLU C 60 17.47 3.32 -9.50
C GLU C 60 17.06 2.79 -8.12
N LEU C 61 16.27 3.57 -7.37
CA LEU C 61 15.76 3.07 -6.11
C LEU C 61 15.05 1.74 -6.30
N VAL C 62 14.10 1.68 -7.23
CA VAL C 62 13.37 0.42 -7.41
C VAL C 62 14.33 -0.70 -7.83
N GLN C 63 15.22 -0.42 -8.77
CA GLN C 63 16.02 -1.53 -9.29
C GLN C 63 17.15 -1.95 -8.37
N GLU C 64 17.40 -1.24 -7.26
CA GLU C 64 18.37 -1.71 -6.28
C GLU C 64 17.72 -2.18 -4.98
N GLY C 65 16.47 -2.65 -5.08
CA GLY C 65 15.78 -3.32 -3.99
C GLY C 65 15.36 -2.45 -2.83
N GLU C 66 15.56 -1.13 -2.90
CA GLU C 66 15.39 -0.26 -1.74
C GLU C 66 14.00 0.33 -1.60
N THR C 67 13.09 0.06 -2.54
CA THR C 67 11.71 0.51 -2.37
C THR C 67 10.80 -0.37 -3.21
N GLU C 68 9.51 -0.30 -2.94
CA GLU C 68 8.50 -1.12 -3.60
C GLU C 68 7.99 -0.44 -4.87
N LYS C 69 7.75 -1.24 -5.91
CA LYS C 69 7.31 -0.72 -7.20
C LYS C 69 6.14 0.25 -7.05
N GLU C 70 5.19 -0.08 -6.19
CA GLU C 70 4.00 0.76 -6.02
C GLU C 70 4.36 2.17 -5.54
N GLU C 71 5.14 2.25 -4.45
CA GLU C 71 5.47 3.55 -3.89
C GLU C 71 6.32 4.38 -4.85
N ALA C 72 7.21 3.74 -5.61
CA ALA C 72 7.97 4.47 -6.60
C ALA C 72 7.09 5.04 -7.69
N LEU C 73 6.16 4.24 -8.20
CA LEU C 73 5.22 4.78 -9.18
C LEU C 73 4.51 5.99 -8.62
N LYS C 74 4.17 5.96 -7.33
CA LYS C 74 3.54 7.11 -6.70
C LYS C 74 4.46 8.33 -6.72
N GLY C 75 5.73 8.13 -6.33
CA GLY C 75 6.67 9.25 -6.31
C GLY C 75 6.91 9.82 -7.70
N VAL C 76 7.04 8.96 -8.68
CA VAL C 76 7.21 9.40 -10.07
C VAL C 76 6.04 10.28 -10.47
N LYS C 77 4.81 9.80 -10.23
CA LYS C 77 3.66 10.54 -10.73
C LYS C 77 3.48 11.87 -10.01
N GLU C 78 3.77 11.93 -8.71
CA GLU C 78 3.63 13.21 -8.02
C GLU C 78 4.73 14.18 -8.45
N LEU C 79 5.97 13.68 -8.58
CA LEU C 79 7.06 14.50 -9.08
C LEU C 79 6.73 15.05 -10.46
N VAL C 80 6.19 14.20 -11.32
CA VAL C 80 5.91 14.61 -12.69
C VAL C 80 4.76 15.61 -12.72
N LYS C 81 3.75 15.42 -11.88
CA LYS C 81 2.66 16.38 -11.81
C LYS C 81 3.19 17.76 -11.41
N ILE C 82 4.02 17.81 -10.37
CA ILE C 82 4.59 19.08 -9.92
C ILE C 82 5.45 19.71 -11.02
N ALA C 83 6.35 18.92 -11.60
CA ALA C 83 7.26 19.42 -12.63
C ALA C 83 6.48 19.97 -13.81
N VAL C 84 5.39 19.31 -14.20
CA VAL C 84 4.61 19.76 -15.33
C VAL C 84 3.92 21.08 -15.01
N GLU C 85 3.43 21.24 -13.78
CA GLU C 85 2.84 22.52 -13.37
C GLU C 85 3.86 23.67 -13.48
N VAL C 86 5.07 23.45 -12.96
CA VAL C 86 6.10 24.50 -13.05
C VAL C 86 6.41 24.82 -14.51
N LEU C 87 6.73 23.79 -15.31
CA LEU C 87 7.08 24.03 -16.70
C LEU C 87 5.97 24.73 -17.45
N LYS C 88 4.72 24.50 -17.06
CA LYS C 88 3.60 25.16 -17.74
C LYS C 88 3.54 26.64 -17.41
N ARG C 89 3.53 26.96 -16.11
CA ARG C 89 3.71 28.35 -15.68
C ARG C 89 4.75 29.04 -16.54
N LEU C 90 5.88 28.38 -16.75
CA LEU C 90 6.98 28.90 -17.56
C LEU C 90 6.76 28.71 -19.05
N GLY C 91 5.57 28.27 -19.45
CA GLY C 91 5.27 28.06 -20.86
C GLY C 91 6.37 27.40 -21.66
N ALA C 92 6.75 26.18 -21.28
CA ALA C 92 7.85 25.46 -21.92
C ALA C 92 7.31 24.12 -22.45
N GLU C 93 6.76 24.13 -23.67
CA GLU C 93 6.07 22.96 -24.18
C GLU C 93 7.04 21.82 -24.51
N GLU C 94 8.15 22.14 -25.17
CA GLU C 94 9.13 21.13 -25.53
C GLU C 94 9.57 20.34 -24.31
N GLU C 95 10.00 21.06 -23.27
CA GLU C 95 10.43 20.41 -22.04
C GLU C 95 9.34 19.50 -21.49
N ILE C 96 8.10 19.98 -21.48
CA ILE C 96 6.97 19.20 -20.96
C ILE C 96 6.86 17.87 -21.68
N PHE C 97 6.88 17.91 -23.01
CA PHE C 97 6.69 16.67 -23.75
C PHE C 97 7.87 15.72 -23.55
N ARG C 98 9.08 16.26 -23.52
CA ARG C 98 10.26 15.44 -23.29
C ARG C 98 10.14 14.70 -21.96
N LEU C 99 9.76 15.45 -20.92
CA LEU C 99 9.63 14.87 -19.59
C LEU C 99 8.53 13.82 -19.56
N ASP C 100 7.45 14.05 -20.30
CA ASP C 100 6.36 13.08 -20.32
C ASP C 100 6.80 11.76 -20.93
N LEU C 101 7.39 11.83 -22.11
CA LEU C 101 7.96 10.65 -22.74
C LEU C 101 8.89 9.92 -21.79
N HIS C 102 9.82 10.66 -21.21
CA HIS C 102 10.79 10.06 -20.31
C HIS C 102 10.12 9.46 -19.09
N ALA C 103 9.01 10.06 -18.64
CA ALA C 103 8.32 9.54 -17.48
C ALA C 103 7.62 8.24 -17.81
N HIS C 104 6.99 8.17 -18.97
CA HIS C 104 6.44 6.90 -19.41
C HIS C 104 7.54 5.86 -19.50
N ILE C 105 8.71 6.27 -19.94
CA ILE C 105 9.79 5.32 -20.04
C ILE C 105 10.18 4.81 -18.65
N ILE C 106 10.24 5.71 -17.68
CA ILE C 106 10.58 5.29 -16.32
C ILE C 106 9.47 4.43 -15.72
N TYR C 107 8.21 4.74 -16.05
CA TYR C 107 7.08 3.89 -15.67
C TYR C 107 7.30 2.46 -16.14
N LEU C 108 7.61 2.31 -17.44
CA LEU C 108 7.87 0.98 -17.97
C LEU C 108 9.06 0.34 -17.28
N GLU C 109 10.11 1.11 -17.02
CA GLU C 109 11.28 0.58 -16.34
C GLU C 109 10.93 0.00 -14.99
N ILE C 110 10.05 0.67 -14.26
CA ILE C 110 9.71 0.24 -12.91
C ILE C 110 8.77 -0.95 -12.93
N ARG C 111 7.69 -0.86 -13.70
CA ARG C 111 6.69 -1.93 -13.72
C ARG C 111 7.27 -3.26 -14.19
N THR C 112 8.35 -3.21 -14.96
CA THR C 112 8.96 -4.42 -15.48
C THR C 112 10.05 -4.92 -14.53
#